data_7OWB
#
_entry.id   7OWB
#
_cell.length_a   60.800
_cell.length_b   103.137
_cell.length_c   66.485
_cell.angle_alpha   90.000
_cell.angle_beta   90.000
_cell.angle_gamma   90.000
#
_symmetry.space_group_name_H-M   'P 21 21 2'
#
loop_
_entity.id
_entity.type
_entity.pdbx_description
1 polymer 'Carminomycin 4-O-methyltransferase DnrK,Methyltransferase domain-containing protein'
2 non-polymer 'methyl (1R,2R,4S)-2-ethyl-2,5,7-trihydroxy-6,11-dioxo-4-{[2,3,6-trideoxy-3-(dimethylamino)-alpha-L-lyxo-hexopyranosyl]oxy}-1,2,3,4,6,11-hexahydrotetracene-1-carboxylate'
3 non-polymer S-ADENOSYL-L-HOMOCYSTEINE
4 water water
#
_entity_poly.entity_id   1
_entity_poly.type   'polypeptide(L)'
_entity_poly.pdbx_seq_one_letter_code
;MAHHHHHHHRSTAEPTVAARPQQIDALRTLIRLGSLHTPMVVRTAATLRLVDHILAGARTVKALAARTDTRPEALLRLIR
HLVAIGLLEEDAPGEFVPTEVGELLADDHPAAQRAWHDLTQAVARADISFTRLPDAIRTGRPTYESIYGKPFYEDLAGRP
DLRASFDSLLACDQDVAFDAPAAAYDWTNVRHVLDVGGGKGGFAAAIARRAPHVSATVLEMAGTVDTARSYLKDEGLSDR
VDVVEGDFFEPLPRKADAIILSFVLLNWPDHDAVRILTRCAEALEPGGRILIHERAEPSPDETTSTADLHFSLLDLRMLV
FLGGALRTREKWDGLAASAGLVVEEVRQLPSPTIPYDLSLLVLAPAATGA
;
_entity_poly.pdbx_strand_id   A
#
loop_
_chem_comp.id
_chem_comp.type
_chem_comp.name
_chem_comp.formula
3VL non-polymer 'methyl (1R,2R,4S)-2-ethyl-2,5,7-trihydroxy-6,11-dioxo-4-{[2,3,6-trideoxy-3-(dimethylamino)-alpha-L-lyxo-hexopyranosyl]oxy}-1,2,3,4,6,11-hexahydrotetracene-1-carboxylate' 'C30 H35 N O10'
SAH non-polymer S-ADENOSYL-L-HOMOCYSTEINE 'C14 H20 N6 O5 S'
#
# COMPACT_ATOMS: atom_id res chain seq x y z
N GLN A 23 -3.92 37.49 0.94
CA GLN A 23 -4.74 38.26 0.01
C GLN A 23 -4.36 37.96 -1.46
N ILE A 24 -3.17 38.42 -1.86
CA ILE A 24 -2.64 38.12 -3.19
C ILE A 24 -2.13 36.69 -3.24
N ASP A 25 -1.43 36.26 -2.19
CA ASP A 25 -1.00 34.87 -2.06
C ASP A 25 -2.15 33.95 -1.65
N ALA A 26 -3.16 34.49 -0.99
CA ALA A 26 -4.35 33.69 -0.68
C ALA A 26 -5.01 33.17 -1.95
N LEU A 27 -5.03 33.97 -3.01
CA LEU A 27 -5.55 33.51 -4.29
C LEU A 27 -4.64 32.42 -4.88
N ARG A 28 -3.31 32.62 -4.81
CA ARG A 28 -2.40 31.68 -5.45
C ARG A 28 -2.32 30.37 -4.69
N THR A 29 -2.37 30.42 -3.37
CA THR A 29 -2.34 29.17 -2.61
C THR A 29 -3.60 28.33 -2.87
N LEU A 30 -4.77 28.97 -2.96
CA LEU A 30 -5.99 28.20 -3.23
C LEU A 30 -5.99 27.61 -4.63
N ILE A 31 -5.52 28.38 -5.62
CA ILE A 31 -5.51 27.88 -6.99
C ILE A 31 -4.57 26.69 -7.10
N ARG A 32 -3.44 26.73 -6.38
CA ARG A 32 -2.49 25.63 -6.46
C ARG A 32 -2.99 24.40 -5.71
N LEU A 33 -3.66 24.60 -4.58
CA LEU A 33 -4.22 23.49 -3.81
C LEU A 33 -5.47 22.90 -4.47
N GLY A 34 -6.18 23.67 -5.29
CA GLY A 34 -7.39 23.17 -5.92
C GLY A 34 -7.16 22.62 -7.30
N SER A 35 -5.90 22.46 -7.70
CA SER A 35 -5.50 22.27 -9.09
C SER A 35 -5.48 20.79 -9.43
N LEU A 36 -6.20 20.43 -10.48
CA LEU A 36 -6.31 19.03 -10.86
C LEU A 36 -5.33 18.63 -11.95
N HIS A 37 -5.02 19.54 -12.88
CA HIS A 37 -4.05 19.25 -13.94
C HIS A 37 -2.66 18.92 -13.39
N THR A 38 -2.20 19.65 -12.36
CA THR A 38 -0.83 19.42 -11.84
C THR A 38 -0.55 17.98 -11.42
N PRO A 39 -1.38 17.32 -10.60
CA PRO A 39 -1.09 15.92 -10.30
C PRO A 39 -1.27 14.99 -11.51
N MET A 40 -2.19 15.29 -12.43
CA MET A 40 -2.25 14.44 -13.62
C MET A 40 -1.07 14.66 -14.55
N VAL A 41 -0.48 15.87 -14.56
CA VAL A 41 0.75 16.03 -15.36
C VAL A 41 1.85 15.14 -14.80
N VAL A 42 2.04 15.16 -13.48
CA VAL A 42 3.03 14.28 -12.85
C VAL A 42 2.71 12.81 -13.14
N ARG A 43 1.46 12.44 -13.13
CA ARG A 43 1.07 11.08 -13.34
C ARG A 43 1.25 10.62 -14.75
N THR A 44 1.17 11.53 -15.67
CA THR A 44 1.33 11.18 -17.04
C THR A 44 2.79 11.01 -17.28
N ALA A 45 3.56 11.90 -16.69
CA ALA A 45 4.99 11.81 -16.81
C ALA A 45 5.46 10.51 -16.25
N ALA A 46 4.94 10.08 -15.11
CA ALA A 46 5.39 8.78 -14.57
C ALA A 46 4.98 7.63 -15.48
N THR A 47 3.72 7.62 -15.91
CA THR A 47 3.22 6.55 -16.76
C THR A 47 3.94 6.52 -18.11
N LEU A 48 4.26 7.69 -18.67
CA LEU A 48 5.10 7.70 -19.88
C LEU A 48 6.54 7.31 -19.60
N ARG A 49 6.93 7.13 -18.34
CA ARG A 49 8.33 6.84 -17.97
C ARG A 49 9.27 7.88 -18.54
N LEU A 50 8.83 9.14 -18.54
CA LEU A 50 9.58 10.22 -19.15
C LEU A 50 11.02 10.31 -18.65
N VAL A 51 11.20 10.25 -17.32
CA VAL A 51 12.52 10.47 -16.76
C VAL A 51 13.47 9.33 -17.12
N ASP A 52 12.98 8.08 -17.09
CA ASP A 52 13.84 6.97 -17.51
C ASP A 52 14.28 7.13 -18.97
N HIS A 53 13.37 7.58 -19.83
CA HIS A 53 13.75 7.82 -21.21
C HIS A 53 14.76 8.97 -21.34
N ILE A 54 14.63 10.01 -20.52
CA ILE A 54 15.66 11.06 -20.50
C ILE A 54 16.97 10.48 -19.98
N LEU A 55 16.90 9.65 -18.93
CA LEU A 55 18.10 9.07 -18.34
C LEU A 55 18.78 8.08 -19.28
N ALA A 56 18.01 7.36 -20.12
CA ALA A 56 18.55 6.51 -21.18
C ALA A 56 19.05 7.30 -22.39
N GLY A 57 19.16 8.63 -22.28
CA GLY A 57 19.78 9.43 -23.32
C GLY A 57 18.89 9.88 -24.46
N ALA A 58 17.69 10.38 -24.14
CA ALA A 58 16.84 11.09 -25.10
C ALA A 58 16.88 12.56 -24.69
N ARG A 59 17.75 13.34 -25.34
CA ARG A 59 17.93 14.73 -24.94
C ARG A 59 16.83 15.64 -25.49
N THR A 60 16.47 15.45 -26.77
CA THR A 60 15.53 16.29 -27.50
C THR A 60 14.08 15.83 -27.30
N VAL A 61 13.15 16.75 -27.57
CA VAL A 61 11.73 16.42 -27.53
C VAL A 61 11.37 15.43 -28.64
N LYS A 62 12.09 15.46 -29.77
CA LYS A 62 11.75 14.58 -30.89
C LYS A 62 12.04 13.12 -30.56
N ALA A 63 13.24 12.83 -30.05
CA ALA A 63 13.53 11.46 -29.59
C ALA A 63 12.55 11.03 -28.52
N LEU A 64 12.20 11.95 -27.61
CA LEU A 64 11.36 11.66 -26.47
C LEU A 64 9.92 11.35 -26.89
N ALA A 65 9.38 12.09 -27.86
CA ALA A 65 8.06 11.75 -28.32
C ALA A 65 8.04 10.40 -29.02
N ALA A 66 9.13 10.06 -29.71
CA ALA A 66 9.22 8.80 -30.45
C ALA A 66 9.38 7.60 -29.52
N ARG A 67 10.11 7.76 -28.41
CA ARG A 67 10.19 6.69 -27.41
C ARG A 67 8.86 6.46 -26.71
N THR A 68 8.04 7.50 -26.52
CA THR A 68 6.80 7.43 -25.75
C THR A 68 5.55 7.30 -26.61
N ASP A 69 5.69 7.39 -27.94
CA ASP A 69 4.59 7.34 -28.90
C ASP A 69 3.56 8.44 -28.62
N THR A 70 4.06 9.68 -28.60
CA THR A 70 3.25 10.85 -28.32
C THR A 70 3.47 11.90 -29.41
N ARG A 71 2.50 12.80 -29.55
CA ARG A 71 2.64 13.93 -30.46
C ARG A 71 3.75 14.85 -29.96
N PRO A 72 4.67 15.27 -30.82
CA PRO A 72 5.73 16.19 -30.38
C PRO A 72 5.20 17.47 -29.74
N GLU A 73 4.22 18.13 -30.37
CA GLU A 73 3.75 19.40 -29.85
C GLU A 73 2.87 19.26 -28.62
N ALA A 74 2.16 18.14 -28.45
CA ALA A 74 1.43 17.95 -27.20
C ALA A 74 2.38 17.60 -26.05
N LEU A 75 3.48 16.90 -26.32
CA LEU A 75 4.45 16.55 -25.29
C LEU A 75 5.27 17.76 -24.83
N LEU A 76 5.48 18.74 -25.72
CA LEU A 76 6.16 19.96 -25.30
C LEU A 76 5.29 20.75 -24.31
N ARG A 77 3.99 20.78 -24.53
CA ARG A 77 3.09 21.42 -23.60
C ARG A 77 3.09 20.73 -22.23
N LEU A 78 3.26 19.40 -22.18
CA LEU A 78 3.35 18.75 -20.88
C LEU A 78 4.71 19.04 -20.23
N ILE A 79 5.79 18.90 -20.99
CA ILE A 79 7.12 19.23 -20.51
C ILE A 79 7.15 20.65 -19.97
N ARG A 80 6.50 21.58 -20.67
CA ARG A 80 6.50 22.98 -20.24
C ARG A 80 5.92 23.13 -18.85
N HIS A 81 4.83 22.40 -18.56
CA HIS A 81 4.28 22.41 -17.21
C HIS A 81 5.18 21.67 -16.22
N LEU A 82 5.78 20.56 -16.65
CA LEU A 82 6.76 19.83 -15.85
C LEU A 82 8.00 20.68 -15.48
N VAL A 83 8.42 21.59 -16.35
CA VAL A 83 9.52 22.49 -16.00
C VAL A 83 9.08 23.46 -14.93
N ALA A 84 7.84 23.95 -15.02
CA ALA A 84 7.34 24.99 -14.13
C ALA A 84 6.90 24.49 -12.76
N ILE A 85 6.70 23.19 -12.57
CA ILE A 85 6.47 22.65 -11.23
C ILE A 85 7.74 22.06 -10.63
N GLY A 86 8.88 22.22 -11.30
CA GLY A 86 10.17 21.82 -10.78
C GLY A 86 10.63 20.41 -11.07
N LEU A 87 9.96 19.69 -11.95
CA LEU A 87 10.37 18.28 -12.16
C LEU A 87 11.39 18.26 -13.29
N LEU A 88 11.39 19.32 -14.11
CA LEU A 88 12.32 19.40 -15.26
C LEU A 88 13.00 20.77 -15.40
N GLU A 89 14.12 20.87 -16.11
CA GLU A 89 15.02 22.03 -16.43
C GLU A 89 15.31 22.04 -17.93
N GLU A 90 15.45 23.22 -18.50
CA GLU A 90 15.93 23.28 -19.90
C GLU A 90 17.44 23.53 -19.78
N ASP A 91 18.25 22.50 -20.00
CA ASP A 91 19.72 22.68 -19.96
C ASP A 91 20.46 23.30 -21.14
N ALA A 92 20.46 22.60 -22.27
CA ALA A 92 20.74 23.25 -23.57
C ALA A 92 19.38 23.58 -24.17
N PRO A 93 19.26 24.64 -24.99
CA PRO A 93 17.99 24.95 -25.64
C PRO A 93 17.40 23.67 -26.24
N GLY A 94 16.27 23.21 -25.70
CA GLY A 94 15.60 22.03 -26.25
C GLY A 94 15.98 20.74 -25.55
N GLU A 95 17.00 20.75 -24.70
CA GLU A 95 17.30 19.52 -23.98
C GLU A 95 16.73 19.63 -22.58
N PHE A 96 16.18 18.54 -22.07
CA PHE A 96 15.50 18.58 -20.78
C PHE A 96 16.06 17.54 -19.85
N VAL A 97 16.41 17.96 -18.65
CA VAL A 97 17.02 17.10 -17.62
C VAL A 97 16.07 17.00 -16.43
N PRO A 98 15.99 15.86 -15.74
CA PRO A 98 15.26 15.83 -14.48
C PRO A 98 15.97 16.67 -13.41
N THR A 99 15.17 17.34 -12.60
CA THR A 99 15.67 18.05 -11.45
C THR A 99 15.86 17.02 -10.34
N GLU A 100 16.16 17.49 -9.12
CA GLU A 100 16.41 16.53 -8.05
C GLU A 100 15.10 15.94 -7.56
N VAL A 101 14.04 16.74 -7.50
CA VAL A 101 12.72 16.18 -7.29
C VAL A 101 12.39 15.19 -8.41
N GLY A 102 12.55 15.64 -9.66
CA GLY A 102 12.18 14.85 -10.82
C GLY A 102 12.87 13.52 -10.92
N GLU A 103 14.07 13.38 -10.35
CA GLU A 103 14.77 12.11 -10.46
C GLU A 103 14.21 11.06 -9.50
N LEU A 104 13.31 11.43 -8.60
CA LEU A 104 12.58 10.43 -7.86
C LEU A 104 11.64 9.61 -8.75
N LEU A 105 11.39 10.07 -9.99
CA LEU A 105 10.50 9.38 -10.91
C LEU A 105 11.23 8.34 -11.72
N ALA A 106 12.52 8.12 -11.45
CA ALA A 106 13.23 7.04 -12.11
C ALA A 106 12.76 5.70 -11.56
N ASP A 107 12.71 4.68 -12.42
CA ASP A 107 12.02 3.44 -12.07
C ASP A 107 12.78 2.67 -11.00
N ASP A 108 14.11 2.64 -11.06
CA ASP A 108 14.88 1.89 -10.09
C ASP A 108 15.06 2.63 -8.78
N HIS A 109 14.50 3.83 -8.65
CA HIS A 109 14.67 4.60 -7.44
C HIS A 109 14.04 3.88 -6.26
N PRO A 110 14.73 3.83 -5.11
CA PRO A 110 14.21 3.08 -3.95
C PRO A 110 12.83 3.49 -3.45
N ALA A 111 12.40 4.75 -3.60
CA ALA A 111 11.10 5.12 -3.06
C ALA A 111 9.92 4.73 -3.96
N ALA A 112 10.17 4.14 -5.14
CA ALA A 112 9.14 3.52 -5.97
C ALA A 112 8.07 4.51 -6.42
N GLN A 113 8.35 5.80 -6.36
CA GLN A 113 7.32 6.78 -6.60
C GLN A 113 6.87 6.80 -8.05
N ARG A 114 7.71 6.35 -8.99
CA ARG A 114 7.21 6.24 -10.34
C ARG A 114 6.04 5.27 -10.41
N ALA A 115 6.19 4.11 -9.79
CA ALA A 115 5.13 3.10 -9.87
C ALA A 115 3.87 3.58 -9.14
N TRP A 116 4.02 4.22 -7.97
CA TRP A 116 2.88 4.77 -7.22
C TRP A 116 2.18 5.91 -7.93
N HIS A 117 2.72 6.42 -9.04
CA HIS A 117 2.05 7.45 -9.84
C HIS A 117 1.71 6.95 -11.24
N ASP A 118 1.94 5.68 -11.53
CA ASP A 118 1.69 5.12 -12.85
C ASP A 118 0.20 4.78 -12.96
N LEU A 119 -0.51 5.43 -13.90
CA LEU A 119 -1.94 5.15 -14.11
C LEU A 119 -2.20 3.72 -14.59
N THR A 120 -1.18 3.03 -14.99
CA THR A 120 -1.32 1.71 -15.46
C THR A 120 -1.36 0.73 -14.31
N GLN A 121 -0.83 1.14 -13.17
CA GLN A 121 -0.78 0.31 -11.99
C GLN A 121 -1.95 0.47 -11.08
N ALA A 122 -2.09 -0.39 -10.13
CA ALA A 122 -3.28 -0.40 -9.32
C ALA A 122 -3.68 0.77 -8.44
N VAL A 123 -2.74 1.45 -7.84
CA VAL A 123 -3.10 2.51 -6.91
C VAL A 123 -3.39 3.84 -7.61
N ALA A 124 -2.50 4.29 -8.50
CA ALA A 124 -2.78 5.53 -9.22
C ALA A 124 -4.00 5.38 -10.12
N ARG A 125 -4.27 4.17 -10.60
CA ARG A 125 -5.56 3.87 -11.23
C ARG A 125 -6.70 4.05 -10.24
N ALA A 126 -6.55 3.54 -9.01
CA ALA A 126 -7.62 3.67 -8.03
C ALA A 126 -7.83 5.10 -7.56
N ASP A 127 -6.83 5.98 -7.64
CA ASP A 127 -7.09 7.36 -7.17
C ASP A 127 -8.14 8.10 -8.00
N ILE A 128 -8.53 7.54 -9.12
CA ILE A 128 -9.54 8.14 -9.95
C ILE A 128 -10.87 8.16 -9.24
N SER A 129 -10.99 7.37 -8.18
CA SER A 129 -12.20 7.35 -7.34
C SER A 129 -12.37 8.66 -6.58
N PHE A 130 -11.27 9.34 -6.29
CA PHE A 130 -11.30 10.64 -5.70
C PHE A 130 -12.06 11.62 -6.60
N THR A 131 -12.23 11.36 -7.89
CA THR A 131 -13.05 12.25 -8.71
C THR A 131 -14.51 12.22 -8.32
N ARG A 132 -15.01 11.15 -7.71
CA ARG A 132 -16.37 11.11 -7.17
C ARG A 132 -16.38 11.31 -5.67
N LEU A 133 -15.44 12.08 -5.15
CA LEU A 133 -15.35 12.26 -3.71
C LEU A 133 -16.67 12.68 -3.08
N PRO A 134 -17.46 13.61 -3.66
CA PRO A 134 -18.75 13.97 -3.04
C PRO A 134 -19.66 12.78 -2.72
N ASP A 135 -19.69 11.77 -3.58
CA ASP A 135 -20.54 10.61 -3.30
C ASP A 135 -20.12 9.91 -2.02
N ALA A 136 -18.81 9.73 -1.83
CA ALA A 136 -18.32 9.07 -0.63
C ALA A 136 -18.64 9.88 0.62
N ILE A 137 -18.57 11.21 0.55
CA ILE A 137 -18.96 11.99 1.72
C ILE A 137 -20.46 11.87 1.98
N ARG A 138 -21.27 11.85 0.92
CA ARG A 138 -22.70 11.81 1.14
C ARG A 138 -23.15 10.44 1.67
N THR A 139 -22.55 9.36 1.17
CA THR A 139 -23.02 8.01 1.45
C THR A 139 -22.15 7.25 2.44
N GLY A 140 -20.87 7.59 2.57
CA GLY A 140 -19.96 6.77 3.33
C GLY A 140 -19.43 5.55 2.60
N ARG A 141 -19.97 5.23 1.43
CA ARG A 141 -19.62 4.06 0.63
C ARG A 141 -18.50 4.38 -0.37
N PRO A 142 -17.68 3.38 -0.69
CA PRO A 142 -16.65 3.58 -1.71
C PRO A 142 -17.23 3.88 -3.08
N THR A 143 -16.45 4.62 -3.89
CA THR A 143 -16.83 5.08 -5.21
C THR A 143 -16.08 4.35 -6.32
N TYR A 144 -15.14 3.49 -5.95
CA TYR A 144 -14.36 2.71 -6.91
C TYR A 144 -15.27 1.87 -7.82
N GLU A 145 -16.28 1.23 -7.23
CA GLU A 145 -17.13 0.33 -8.00
C GLU A 145 -17.89 1.09 -9.07
N SER A 146 -18.38 2.29 -8.75
CA SER A 146 -19.10 3.10 -9.71
C SER A 146 -18.29 3.33 -10.98
N ILE A 147 -16.96 3.31 -10.88
CA ILE A 147 -16.09 3.66 -11.99
C ILE A 147 -15.65 2.44 -12.77
N TYR A 148 -15.33 1.36 -12.08
CA TYR A 148 -14.59 0.26 -12.69
C TYR A 148 -15.39 -1.05 -12.70
N GLY A 149 -16.60 -1.07 -12.15
CA GLY A 149 -17.47 -2.20 -12.36
C GLY A 149 -17.62 -3.15 -11.19
N LYS A 150 -16.51 -3.52 -10.57
CA LYS A 150 -16.52 -4.39 -9.40
C LYS A 150 -15.82 -3.71 -8.23
N PRO A 151 -16.07 -4.17 -7.00
CA PRO A 151 -15.32 -3.65 -5.85
C PRO A 151 -13.84 -3.93 -5.98
N PHE A 152 -13.04 -3.11 -5.29
CA PHE A 152 -11.58 -3.10 -5.44
C PHE A 152 -10.98 -4.48 -5.65
N TYR A 153 -11.18 -5.40 -4.71
CA TYR A 153 -10.46 -6.67 -4.76
C TYR A 153 -11.07 -7.64 -5.76
N GLU A 154 -12.32 -7.42 -6.18
CA GLU A 154 -12.82 -8.24 -7.28
C GLU A 154 -12.25 -7.78 -8.60
N ASP A 155 -12.08 -6.46 -8.79
CA ASP A 155 -11.41 -5.96 -9.98
C ASP A 155 -10.00 -6.55 -10.10
N LEU A 156 -9.28 -6.65 -8.97
CA LEU A 156 -7.94 -7.26 -9.02
C LEU A 156 -8.01 -8.75 -9.34
N ALA A 157 -8.96 -9.48 -8.71
CA ALA A 157 -9.10 -10.90 -8.99
C ALA A 157 -9.28 -11.18 -10.47
N GLY A 158 -9.88 -10.24 -11.22
CA GLY A 158 -10.10 -10.44 -12.65
C GLY A 158 -9.01 -9.92 -13.58
N ARG A 159 -8.14 -9.05 -13.07
CA ARG A 159 -7.12 -8.41 -13.88
C ARG A 159 -5.75 -8.77 -13.29
N PRO A 160 -5.13 -9.87 -13.76
CA PRO A 160 -3.84 -10.29 -13.20
C PRO A 160 -2.74 -9.25 -13.25
N ASP A 161 -2.77 -8.32 -14.22
CA ASP A 161 -1.75 -7.30 -14.25
C ASP A 161 -1.89 -6.35 -13.05
N LEU A 162 -3.13 -5.95 -12.74
CA LEU A 162 -3.41 -5.10 -11.60
C LEU A 162 -3.20 -5.84 -10.28
N ARG A 163 -3.56 -7.13 -10.23
CA ARG A 163 -3.34 -7.91 -9.03
C ARG A 163 -1.86 -7.92 -8.67
N ALA A 164 -1.01 -8.14 -9.68
CA ALA A 164 0.43 -8.21 -9.49
C ALA A 164 1.01 -6.84 -9.15
N SER A 165 0.68 -5.85 -9.96
CA SER A 165 1.00 -4.47 -9.67
C SER A 165 0.68 -4.08 -8.23
N PHE A 166 -0.46 -4.52 -7.69
CA PHE A 166 -0.81 -4.16 -6.33
C PHE A 166 0.14 -4.80 -5.31
N ASP A 167 0.52 -6.06 -5.53
CA ASP A 167 1.33 -6.77 -4.53
C ASP A 167 2.74 -6.18 -4.49
N SER A 168 3.29 -5.84 -5.65
CA SER A 168 4.65 -5.32 -5.64
C SER A 168 4.70 -3.88 -5.18
N LEU A 169 3.63 -3.12 -5.40
CA LEU A 169 3.55 -1.77 -4.86
C LEU A 169 3.57 -1.79 -3.33
N LEU A 170 2.74 -2.65 -2.73
CA LEU A 170 2.70 -2.72 -1.27
C LEU A 170 3.94 -3.39 -0.70
N ALA A 171 4.58 -4.28 -1.46
CA ALA A 171 5.78 -4.99 -1.01
C ALA A 171 7.06 -4.25 -1.35
N CYS A 172 7.00 -2.96 -1.70
CA CYS A 172 8.20 -2.21 -2.14
C CYS A 172 9.25 -2.02 -1.04
N ASP A 173 8.91 -2.26 0.23
CA ASP A 173 9.91 -2.17 1.32
C ASP A 173 9.93 -3.45 2.15
N GLN A 174 9.53 -4.58 1.59
CA GLN A 174 9.46 -5.87 2.32
C GLN A 174 10.75 -6.19 3.05
N ASP A 175 11.90 -5.81 2.49
CA ASP A 175 13.23 -6.17 3.04
C ASP A 175 13.49 -5.48 4.39
N VAL A 176 13.00 -4.26 4.57
CA VAL A 176 13.28 -3.51 5.78
C VAL A 176 12.04 -3.14 6.57
N ALA A 177 10.85 -3.14 5.99
CA ALA A 177 9.71 -2.54 6.66
C ALA A 177 9.14 -3.38 7.79
N PHE A 178 9.50 -4.66 7.87
CA PHE A 178 8.99 -5.50 8.92
C PHE A 178 10.03 -5.81 9.98
N ASP A 179 11.25 -5.28 9.83
CA ASP A 179 12.30 -5.60 10.78
C ASP A 179 11.96 -5.08 12.18
N ALA A 180 11.53 -3.81 12.27
CA ALA A 180 11.24 -3.22 13.58
C ALA A 180 10.01 -3.81 14.25
N PRO A 181 8.88 -4.01 13.56
CA PRO A 181 7.78 -4.74 14.22
C PRO A 181 8.17 -6.14 14.65
N ALA A 182 8.95 -6.88 13.85
CA ALA A 182 9.34 -8.23 14.25
C ALA A 182 10.18 -8.20 15.52
N ALA A 183 11.08 -7.22 15.62
CA ALA A 183 11.89 -7.07 16.82
C ALA A 183 11.01 -6.77 18.03
N ALA A 184 10.00 -5.93 17.87
CA ALA A 184 9.19 -5.44 18.97
C ALA A 184 8.46 -6.51 19.79
N TYR A 185 8.52 -7.77 19.36
CA TYR A 185 7.69 -8.83 19.93
C TYR A 185 8.58 -10.00 20.34
N ASP A 186 8.15 -10.72 21.38
CA ASP A 186 8.89 -11.86 21.91
C ASP A 186 8.34 -13.13 21.29
N TRP A 187 9.17 -13.78 20.48
CA TRP A 187 8.79 -14.98 19.75
C TRP A 187 9.15 -16.26 20.48
N THR A 188 9.58 -16.14 21.74
CA THR A 188 10.22 -17.27 22.42
C THR A 188 9.25 -18.42 22.62
N ASN A 189 8.02 -18.13 23.00
CA ASN A 189 7.03 -19.18 23.23
C ASN A 189 6.12 -19.40 22.03
N VAL A 190 6.35 -18.69 20.93
CA VAL A 190 5.52 -18.84 19.74
C VAL A 190 5.98 -20.08 18.98
N ARG A 191 5.04 -20.99 18.73
CA ARG A 191 5.31 -22.12 17.85
C ARG A 191 5.00 -21.78 16.40
N HIS A 192 3.74 -21.45 16.08
CA HIS A 192 3.36 -21.11 14.71
C HIS A 192 2.87 -19.67 14.63
N VAL A 193 2.97 -19.12 13.43
CA VAL A 193 2.51 -17.76 13.13
C VAL A 193 1.66 -17.80 11.88
N LEU A 194 0.47 -17.20 11.95
CA LEU A 194 -0.44 -17.07 10.81
C LEU A 194 -0.44 -15.63 10.34
N ASP A 195 0.05 -15.39 9.12
CA ASP A 195 0.06 -14.05 8.54
C ASP A 195 -1.17 -13.96 7.65
N VAL A 196 -2.21 -13.29 8.16
CA VAL A 196 -3.52 -13.27 7.53
C VAL A 196 -3.54 -12.11 6.55
N GLY A 197 -3.61 -12.43 5.26
CA GLY A 197 -3.47 -11.41 4.25
C GLY A 197 -2.09 -10.80 4.27
N GLY A 198 -1.06 -11.64 4.29
CA GLY A 198 0.30 -11.20 4.46
C GLY A 198 1.04 -10.79 3.19
N GLY A 199 0.32 -10.30 2.18
CA GLY A 199 0.95 -9.83 0.96
C GLY A 199 1.88 -10.88 0.36
N LYS A 200 3.10 -10.45 -0.01
CA LYS A 200 4.13 -11.35 -0.56
C LYS A 200 4.89 -12.14 0.51
N GLY A 201 4.49 -12.07 1.78
CA GLY A 201 5.12 -12.83 2.83
C GLY A 201 6.29 -12.16 3.53
N GLY A 202 6.54 -10.87 3.26
CA GLY A 202 7.71 -10.20 3.80
C GLY A 202 7.74 -10.14 5.32
N PHE A 203 6.56 -10.13 5.94
CA PHE A 203 6.48 -10.07 7.40
C PHE A 203 6.71 -11.45 8.01
N ALA A 204 6.11 -12.51 7.45
CA ALA A 204 6.49 -13.84 7.88
C ALA A 204 7.99 -14.04 7.68
N ALA A 205 8.54 -13.48 6.61
CA ALA A 205 9.96 -13.62 6.36
C ALA A 205 10.78 -12.93 7.47
N ALA A 206 10.45 -11.69 7.81
CA ALA A 206 11.19 -10.99 8.86
C ALA A 206 11.11 -11.73 10.19
N ILE A 207 9.94 -12.28 10.53
CA ILE A 207 9.80 -13.02 11.78
C ILE A 207 10.62 -14.29 11.75
N ALA A 208 10.74 -14.93 10.57
CA ALA A 208 11.53 -16.14 10.46
C ALA A 208 13.02 -15.86 10.64
N ARG A 209 13.49 -14.75 10.09
CA ARG A 209 14.94 -14.42 10.14
C ARG A 209 15.34 -13.80 11.50
N ARG A 210 14.41 -13.72 12.46
CA ARG A 210 14.72 -13.21 13.82
C ARG A 210 14.47 -14.34 14.82
N ALA A 211 13.34 -15.03 14.66
CA ALA A 211 13.04 -16.19 15.52
C ALA A 211 13.43 -17.46 14.75
N PRO A 212 14.61 -18.12 14.96
CA PRO A 212 14.98 -19.26 14.10
C PRO A 212 14.18 -20.54 14.34
N HIS A 213 13.34 -20.59 15.37
CA HIS A 213 12.57 -21.78 15.72
C HIS A 213 11.10 -21.69 15.32
N VAL A 214 10.65 -20.60 14.72
CA VAL A 214 9.24 -20.37 14.44
C VAL A 214 8.95 -20.79 13.00
N SER A 215 7.78 -21.40 12.78
CA SER A 215 7.29 -21.65 11.44
C SER A 215 6.09 -20.76 11.17
N ALA A 216 5.75 -20.59 9.89
CA ALA A 216 4.73 -19.63 9.53
C ALA A 216 3.87 -20.12 8.36
N THR A 217 2.65 -19.63 8.33
CA THR A 217 1.77 -19.73 7.17
C THR A 217 1.33 -18.33 6.77
N VAL A 218 1.28 -18.09 5.47
CA VAL A 218 0.66 -16.90 4.90
C VAL A 218 -0.66 -17.33 4.26
N LEU A 219 -1.76 -16.69 4.69
CA LEU A 219 -3.05 -16.84 4.04
C LEU A 219 -3.29 -15.61 3.17
N GLU A 220 -3.42 -15.82 1.86
CA GLU A 220 -3.64 -14.73 0.90
C GLU A 220 -4.63 -15.16 -0.19
N MET A 221 -4.90 -14.24 -1.13
CA MET A 221 -5.84 -14.48 -2.22
C MET A 221 -5.15 -15.12 -3.42
N ALA A 222 -5.98 -15.51 -4.39
CA ALA A 222 -5.47 -16.02 -5.65
C ALA A 222 -4.61 -14.98 -6.36
N GLY A 223 -3.61 -15.44 -7.11
CA GLY A 223 -2.59 -14.56 -7.66
C GLY A 223 -1.46 -14.27 -6.68
N THR A 224 -1.78 -13.59 -5.58
CA THR A 224 -0.76 -13.26 -4.61
C THR A 224 -0.09 -14.52 -4.03
N VAL A 225 -0.83 -15.62 -3.84
CA VAL A 225 -0.20 -16.80 -3.24
C VAL A 225 1.04 -17.22 -4.03
N ASP A 226 0.97 -17.14 -5.37
CA ASP A 226 2.08 -17.57 -6.21
C ASP A 226 3.29 -16.65 -6.13
N THR A 227 3.08 -15.33 -5.98
CA THR A 227 4.25 -14.46 -5.86
C THR A 227 4.87 -14.52 -4.47
N ALA A 228 4.04 -14.70 -3.43
CA ALA A 228 4.57 -14.89 -2.09
C ALA A 228 5.37 -16.17 -2.00
N ARG A 229 4.87 -17.25 -2.63
CA ARG A 229 5.61 -18.51 -2.64
C ARG A 229 6.93 -18.35 -3.36
N SER A 230 6.91 -17.73 -4.54
CA SER A 230 8.13 -17.48 -5.28
C SER A 230 9.10 -16.60 -4.50
N TYR A 231 8.59 -15.59 -3.80
CA TYR A 231 9.48 -14.72 -3.04
C TYR A 231 10.07 -15.45 -1.84
N LEU A 232 9.26 -16.24 -1.13
CA LEU A 232 9.76 -16.98 0.03
C LEU A 232 10.72 -18.08 -0.39
N LYS A 233 10.49 -18.71 -1.55
CA LYS A 233 11.46 -19.62 -2.13
C LYS A 233 12.81 -18.93 -2.31
N ASP A 234 12.85 -17.89 -3.15
CA ASP A 234 14.08 -17.16 -3.41
C ASP A 234 14.68 -16.53 -2.15
N GLU A 235 13.91 -16.38 -1.06
CA GLU A 235 14.46 -15.96 0.21
C GLU A 235 15.18 -17.07 0.94
N GLY A 236 14.98 -18.32 0.50
CA GLY A 236 15.51 -19.47 1.21
C GLY A 236 14.65 -19.93 2.35
N LEU A 237 13.35 -19.63 2.32
CA LEU A 237 12.48 -19.86 3.46
C LEU A 237 11.28 -20.74 3.15
N SER A 238 11.22 -21.37 1.97
CA SER A 238 10.08 -22.25 1.70
C SER A 238 10.07 -23.44 2.65
N ASP A 239 11.17 -23.71 3.35
CA ASP A 239 11.20 -24.74 4.38
C ASP A 239 10.43 -24.32 5.63
N ARG A 240 10.42 -23.03 5.96
CA ARG A 240 9.85 -22.55 7.22
C ARG A 240 8.52 -21.84 7.07
N VAL A 241 8.21 -21.29 5.89
CA VAL A 241 7.01 -20.50 5.68
C VAL A 241 6.20 -21.11 4.54
N ASP A 242 4.97 -21.53 4.84
CA ASP A 242 4.05 -22.05 3.84
C ASP A 242 3.11 -20.96 3.37
N VAL A 243 2.38 -21.27 2.32
CA VAL A 243 1.41 -20.35 1.77
C VAL A 243 0.13 -21.13 1.48
N VAL A 244 -0.97 -20.67 2.06
CA VAL A 244 -2.29 -21.25 1.83
C VAL A 244 -3.15 -20.19 1.16
N GLU A 245 -3.73 -20.56 0.03
CA GLU A 245 -4.75 -19.74 -0.59
C GLU A 245 -6.07 -19.91 0.17
N GLY A 246 -6.77 -18.81 0.40
CA GLY A 246 -7.99 -18.90 1.16
C GLY A 246 -8.65 -17.55 1.34
N ASP A 247 -9.65 -17.53 2.20
CA ASP A 247 -10.48 -16.37 2.44
C ASP A 247 -10.58 -16.16 3.94
N PHE A 248 -10.07 -15.02 4.44
CA PHE A 248 -10.05 -14.86 5.89
C PHE A 248 -11.42 -14.55 6.49
N PHE A 249 -12.48 -14.48 5.70
CA PHE A 249 -13.84 -14.40 6.25
C PHE A 249 -14.42 -15.77 6.59
N GLU A 250 -13.71 -16.85 6.27
CA GLU A 250 -14.09 -18.21 6.58
C GLU A 250 -13.12 -18.81 7.59
N PRO A 251 -13.44 -19.95 8.18
CA PRO A 251 -12.54 -20.54 9.17
C PRO A 251 -11.12 -20.66 8.65
N LEU A 252 -10.17 -20.14 9.43
CA LEU A 252 -8.77 -20.13 9.02
C LEU A 252 -8.28 -21.58 8.91
N PRO A 253 -7.33 -21.85 8.02
CA PRO A 253 -6.99 -23.25 7.72
C PRO A 253 -6.17 -23.94 8.80
N ARG A 254 -5.77 -23.25 9.87
CA ARG A 254 -5.04 -23.90 10.96
C ARG A 254 -4.96 -22.93 12.13
N LYS A 255 -4.71 -23.49 13.32
CA LYS A 255 -4.52 -22.70 14.52
C LYS A 255 -3.11 -22.13 14.57
N ALA A 256 -2.91 -21.15 15.43
CA ALA A 256 -1.59 -20.58 15.62
C ALA A 256 -1.53 -19.90 16.98
N ASP A 257 -0.30 -19.71 17.46
CA ASP A 257 -0.05 -18.95 18.68
C ASP A 257 0.11 -17.47 18.44
N ALA A 258 0.24 -17.06 17.18
CA ALA A 258 0.27 -15.65 16.84
C ALA A 258 -0.37 -15.52 15.48
N ILE A 259 -1.37 -14.65 15.37
CA ILE A 259 -2.00 -14.36 14.09
C ILE A 259 -1.72 -12.91 13.77
N ILE A 260 -1.07 -12.66 12.62
CA ILE A 260 -0.67 -11.32 12.21
C ILE A 260 -1.68 -10.76 11.22
N LEU A 261 -2.17 -9.54 11.49
CA LEU A 261 -2.95 -8.74 10.56
C LEU A 261 -2.18 -7.44 10.29
N SER A 262 -1.41 -7.39 9.21
CA SER A 262 -0.60 -6.22 8.91
C SER A 262 -1.29 -5.37 7.83
N PHE A 263 -1.81 -4.21 8.23
CA PHE A 263 -2.46 -3.31 7.30
C PHE A 263 -3.59 -4.01 6.56
N VAL A 264 -4.40 -4.77 7.29
CA VAL A 264 -5.54 -5.45 6.69
C VAL A 264 -6.85 -4.81 7.12
N LEU A 265 -7.09 -4.70 8.43
CA LEU A 265 -8.39 -4.25 8.94
C LEU A 265 -8.75 -2.83 8.48
N LEU A 266 -7.77 -1.97 8.19
CA LEU A 266 -8.08 -0.66 7.61
C LEU A 266 -8.78 -0.75 6.23
N ASN A 267 -8.73 -1.89 5.54
CA ASN A 267 -9.44 -2.00 4.27
C ASN A 267 -10.95 -2.17 4.49
N TRP A 268 -11.43 -2.31 5.73
CA TRP A 268 -12.78 -2.81 5.92
C TRP A 268 -13.61 -1.94 6.87
N PRO A 269 -14.91 -1.80 6.58
CA PRO A 269 -15.82 -1.21 7.57
C PRO A 269 -15.87 -2.04 8.83
N ASP A 270 -16.30 -1.40 9.92
CA ASP A 270 -16.29 -2.03 11.25
C ASP A 270 -16.92 -3.42 11.28
N HIS A 271 -18.03 -3.62 10.58
CA HIS A 271 -18.74 -4.88 10.74
C HIS A 271 -17.98 -6.02 10.09
N ASP A 272 -17.27 -5.75 8.99
CA ASP A 272 -16.40 -6.75 8.38
C ASP A 272 -15.11 -6.92 9.18
N ALA A 273 -14.54 -5.82 9.69
CA ALA A 273 -13.35 -5.91 10.51
C ALA A 273 -13.56 -6.85 11.68
N VAL A 274 -14.78 -6.89 12.22
CA VAL A 274 -15.08 -7.75 13.36
C VAL A 274 -15.10 -9.21 12.94
N ARG A 275 -15.68 -9.49 11.77
CA ARG A 275 -15.68 -10.87 11.28
C ARG A 275 -14.26 -11.39 11.08
N ILE A 276 -13.37 -10.55 10.53
CA ILE A 276 -11.98 -10.94 10.40
C ILE A 276 -11.37 -11.24 11.77
N LEU A 277 -11.52 -10.31 12.71
CA LEU A 277 -10.98 -10.54 14.04
C LEU A 277 -11.62 -11.75 14.73
N THR A 278 -12.89 -12.05 14.44
CA THR A 278 -13.50 -13.22 15.08
C THR A 278 -12.87 -14.51 14.56
N ARG A 279 -12.70 -14.63 13.23
CA ARG A 279 -12.07 -15.83 12.67
C ARG A 279 -10.68 -16.04 13.26
N CYS A 280 -9.95 -14.95 13.51
CA CYS A 280 -8.63 -15.06 14.10
C CYS A 280 -8.71 -15.52 15.55
N ALA A 281 -9.61 -14.93 16.34
CA ALA A 281 -9.81 -15.37 17.71
C ALA A 281 -10.05 -16.87 17.80
N GLU A 282 -10.70 -17.44 16.77
CA GLU A 282 -11.03 -18.85 16.76
C GLU A 282 -9.82 -19.70 16.43
N ALA A 283 -9.00 -19.26 15.47
CA ALA A 283 -7.76 -19.95 15.16
C ALA A 283 -6.67 -19.70 16.18
N LEU A 284 -6.96 -18.98 17.27
CA LEU A 284 -5.95 -18.70 18.27
C LEU A 284 -5.81 -19.89 19.22
N GLU A 285 -4.59 -20.35 19.40
CA GLU A 285 -4.29 -21.42 20.35
C GLU A 285 -4.31 -20.89 21.77
N PRO A 286 -4.33 -21.77 22.76
CA PRO A 286 -4.24 -21.31 24.16
C PRO A 286 -2.97 -20.50 24.39
N GLY A 287 -3.15 -19.29 24.92
CA GLY A 287 -2.06 -18.36 25.14
C GLY A 287 -1.77 -17.43 23.99
N GLY A 288 -2.55 -17.48 22.92
CA GLY A 288 -2.20 -16.81 21.69
C GLY A 288 -2.41 -15.30 21.75
N ARG A 289 -1.83 -14.62 20.76
CA ARG A 289 -2.00 -13.17 20.65
C ARG A 289 -2.24 -12.79 19.21
N ILE A 290 -3.11 -11.81 19.01
CA ILE A 290 -3.35 -11.25 17.71
C ILE A 290 -2.58 -9.94 17.63
N LEU A 291 -1.79 -9.78 16.56
CA LEU A 291 -0.94 -8.62 16.36
C LEU A 291 -1.45 -7.82 15.17
N ILE A 292 -1.79 -6.56 15.40
CA ILE A 292 -2.26 -5.65 14.37
C ILE A 292 -1.16 -4.63 14.10
N HIS A 293 -0.75 -4.54 12.85
CA HIS A 293 0.25 -3.58 12.37
C HIS A 293 -0.46 -2.53 11.51
N GLU A 294 -0.44 -1.27 11.96
CA GLU A 294 -1.13 -0.17 11.27
C GLU A 294 -0.54 1.16 11.75
N ARG A 295 -1.26 2.27 11.51
CA ARG A 295 -0.72 3.63 11.66
C ARG A 295 -1.34 4.34 12.86
N ALA A 296 -0.81 5.54 13.13
CA ALA A 296 -1.13 6.31 14.34
C ALA A 296 -1.27 7.80 13.97
N GLU A 297 -1.41 8.67 14.99
CA GLU A 297 -1.73 10.09 14.80
C GLU A 297 -1.37 10.93 16.02
N THR A 306 3.45 16.67 8.86
CA THR A 306 3.21 16.26 7.46
C THR A 306 2.79 14.80 7.59
N ALA A 307 2.87 14.27 8.80
CA ALA A 307 2.38 12.91 9.08
C ALA A 307 0.86 13.04 9.11
N ASP A 308 0.36 14.26 9.28
CA ASP A 308 -1.10 14.47 9.18
C ASP A 308 -1.51 14.42 7.71
N LEU A 309 -0.66 14.90 6.79
CA LEU A 309 -0.98 14.76 5.37
C LEU A 309 -0.75 13.33 4.88
N HIS A 310 0.27 12.65 5.41
CA HIS A 310 0.44 11.23 5.13
C HIS A 310 -0.75 10.42 5.62
N PHE A 311 -1.20 10.70 6.86
CA PHE A 311 -2.32 9.99 7.46
C PHE A 311 -3.63 10.28 6.72
N SER A 312 -3.83 11.54 6.34
CA SER A 312 -5.07 11.94 5.71
C SER A 312 -5.20 11.37 4.30
N LEU A 313 -4.09 11.17 3.60
CA LEU A 313 -4.13 10.52 2.29
C LEU A 313 -4.52 9.04 2.42
N LEU A 314 -3.87 8.31 3.31
CA LEU A 314 -4.21 6.91 3.45
C LEU A 314 -5.64 6.74 3.93
N ASP A 315 -6.11 7.65 4.77
CA ASP A 315 -7.44 7.46 5.33
C ASP A 315 -8.55 7.82 4.35
N LEU A 316 -8.34 8.87 3.55
CA LEU A 316 -9.27 9.17 2.46
C LEU A 316 -9.17 8.15 1.33
N ARG A 317 -8.02 7.49 1.16
CA ARG A 317 -7.93 6.40 0.19
C ARG A 317 -8.76 5.18 0.61
N MET A 318 -8.77 4.86 1.91
CA MET A 318 -9.54 3.72 2.35
C MET A 318 -11.04 3.98 2.22
N LEU A 319 -11.44 5.24 2.30
CA LEU A 319 -12.85 5.59 2.17
C LEU A 319 -13.33 5.44 0.74
N VAL A 320 -12.51 5.85 -0.20
CA VAL A 320 -12.96 5.98 -1.57
C VAL A 320 -12.73 4.69 -2.36
N PHE A 321 -11.71 3.88 -1.98
CA PHE A 321 -11.40 2.57 -2.57
C PHE A 321 -12.27 1.45 -1.98
N LEU A 322 -12.26 1.31 -0.64
CA LEU A 322 -12.85 0.15 0.03
C LEU A 322 -13.88 0.46 1.11
N GLY A 323 -14.09 1.73 1.45
CA GLY A 323 -14.90 2.03 2.62
C GLY A 323 -14.27 1.56 3.92
N GLY A 324 -12.94 1.52 4.01
CA GLY A 324 -12.26 1.34 5.26
C GLY A 324 -11.96 2.65 5.95
N ALA A 325 -11.16 2.56 7.02
CA ALA A 325 -10.78 3.75 7.76
C ALA A 325 -9.60 3.43 8.66
N LEU A 326 -8.80 4.45 8.94
CA LEU A 326 -7.85 4.38 10.05
C LEU A 326 -8.60 4.63 11.36
N ARG A 327 -8.28 3.84 12.38
CA ARG A 327 -8.99 3.91 13.64
C ARG A 327 -8.07 4.39 14.77
N THR A 328 -8.63 5.15 15.70
CA THR A 328 -7.92 5.58 16.91
C THR A 328 -7.89 4.45 17.93
N ARG A 329 -7.27 4.71 19.08
CA ARG A 329 -7.18 3.72 20.15
C ARG A 329 -8.57 3.34 20.68
N GLU A 330 -9.42 4.34 20.96
CA GLU A 330 -10.76 4.07 21.47
C GLU A 330 -11.62 3.31 20.47
N LYS A 331 -11.41 3.53 19.16
CA LYS A 331 -12.08 2.74 18.14
C LYS A 331 -11.61 1.29 18.16
N TRP A 332 -10.33 1.06 18.47
CA TRP A 332 -9.82 -0.31 18.49
C TRP A 332 -10.47 -1.11 19.62
N ASP A 333 -10.54 -0.56 20.85
CA ASP A 333 -11.25 -1.25 21.93
C ASP A 333 -12.67 -1.60 21.53
N GLY A 334 -13.31 -0.75 20.73
CA GLY A 334 -14.65 -1.04 20.24
C GLY A 334 -14.65 -2.32 19.44
N LEU A 335 -13.96 -2.28 18.29
CA LEU A 335 -13.82 -3.46 17.44
C LEU A 335 -13.38 -4.67 18.25
N ALA A 336 -12.33 -4.51 19.07
CA ALA A 336 -11.78 -5.63 19.83
C ALA A 336 -12.83 -6.21 20.77
N ALA A 337 -13.46 -5.36 21.58
CA ALA A 337 -14.54 -5.84 22.45
C ALA A 337 -15.59 -6.59 21.64
N SER A 338 -15.98 -6.04 20.48
CA SER A 338 -17.01 -6.65 19.66
C SER A 338 -16.62 -8.03 19.16
N ALA A 339 -15.32 -8.30 19.01
CA ALA A 339 -14.87 -9.60 18.53
C ALA A 339 -14.50 -10.57 19.64
N GLY A 340 -14.71 -10.19 20.91
CA GLY A 340 -14.32 -11.04 22.01
C GLY A 340 -12.87 -10.92 22.45
N LEU A 341 -12.25 -9.76 22.24
CA LEU A 341 -10.82 -9.60 22.48
C LEU A 341 -10.62 -8.34 23.30
N VAL A 342 -9.40 -8.19 23.80
CA VAL A 342 -9.00 -6.98 24.53
C VAL A 342 -7.61 -6.59 24.06
N VAL A 343 -7.33 -5.29 24.08
CA VAL A 343 -6.02 -4.78 23.68
C VAL A 343 -5.08 -4.91 24.88
N GLU A 344 -4.09 -5.82 24.78
CA GLU A 344 -3.08 -5.98 25.84
C GLU A 344 -2.23 -4.73 25.96
N GLU A 345 -1.51 -4.43 24.87
CA GLU A 345 -0.63 -3.25 24.85
C GLU A 345 -0.50 -2.71 23.44
N VAL A 346 0.10 -1.53 23.30
CA VAL A 346 0.35 -0.94 21.97
C VAL A 346 1.82 -0.52 21.94
N ARG A 347 2.62 -1.12 21.07
CA ARG A 347 4.04 -0.73 20.91
C ARG A 347 4.11 0.33 19.82
N GLN A 348 5.01 1.30 19.95
CA GLN A 348 5.12 2.41 18.97
C GLN A 348 6.43 2.26 18.20
N LEU A 349 6.38 2.18 16.87
CA LEU A 349 7.60 1.90 16.07
C LEU A 349 8.01 3.13 15.27
N THR A 353 11.17 4.75 8.71
CA THR A 353 11.89 5.04 7.44
C THR A 353 11.28 6.28 6.76
N ILE A 354 9.95 6.47 6.85
CA ILE A 354 9.30 7.71 6.33
C ILE A 354 8.94 8.43 7.63
N PRO A 355 8.65 9.76 7.63
CA PRO A 355 8.23 10.49 8.83
C PRO A 355 6.81 10.05 9.23
N TYR A 356 6.70 9.00 10.05
CA TYR A 356 5.40 8.44 10.46
C TYR A 356 5.66 7.36 11.50
N ASP A 357 4.89 7.37 12.59
CA ASP A 357 5.05 6.32 13.63
C ASP A 357 3.97 5.24 13.43
N LEU A 358 4.38 3.98 13.44
CA LEU A 358 3.43 2.87 13.26
C LEU A 358 3.18 2.19 14.60
N SER A 359 2.13 1.38 14.68
CA SER A 359 1.74 0.73 15.92
C SER A 359 1.64 -0.77 15.73
N LEU A 360 1.77 -1.49 16.84
CA LEU A 360 1.66 -2.94 16.89
C LEU A 360 0.71 -3.20 18.05
N LEU A 361 -0.55 -3.51 17.75
CA LEU A 361 -1.52 -3.79 18.81
C LEU A 361 -1.51 -5.29 19.14
N VAL A 362 -1.51 -5.61 20.43
CA VAL A 362 -1.51 -7.00 20.89
C VAL A 362 -2.86 -7.28 21.52
N LEU A 363 -3.53 -8.32 21.04
CA LEU A 363 -4.91 -8.62 21.39
C LEU A 363 -4.99 -10.05 21.91
N ALA A 364 -5.65 -10.23 23.04
CA ALA A 364 -5.86 -11.52 23.68
C ALA A 364 -7.34 -11.69 24.00
N PRO A 365 -7.78 -12.92 24.31
CA PRO A 365 -9.22 -13.14 24.59
C PRO A 365 -9.73 -12.29 25.74
N ALA A 366 -10.94 -11.77 25.57
CA ALA A 366 -11.58 -10.93 26.59
C ALA A 366 -11.88 -11.71 27.86
C1 3VL B . 4.02 6.20 1.41
C2 3VL B . 3.59 5.81 2.82
C3 3VL B . 2.86 4.45 2.92
C4 3VL B . 2.34 4.02 4.33
O1 3VL B . 3.76 3.47 2.36
C5 3VL B . 1.62 4.55 2.03
C6 3VL B . 0.87 5.73 2.26
O2 3VL B . 0.41 6.01 3.37
O3 3VL B . 0.69 6.48 1.15
C7 3VL B . -0.04 7.67 1.47
C8 3VL B . 0.78 3.42 2.00
C9 3VL B . -0.21 3.28 1.01
C10 3VL B . -1.13 2.24 1.03
C11 3VL B . -2.06 2.07 -0.01
O4 3VL B . -2.08 2.86 -0.97
C12 3VL B . -2.97 1.03 0.01
C13 3VL B . -3.90 0.88 -1.02
C14 3VL B . -4.84 -0.14 -1.03
C15 3VL B . -4.85 -1.05 0.03
C16 3VL B . -3.93 -0.90 1.05
O5 3VL B . -3.92 -1.76 2.12
C17 3VL B . -2.98 0.12 1.06
C18 3VL B . -2.06 0.27 2.10
O6 3VL B . -2.06 -0.52 3.04
C19 3VL B . -1.13 1.33 2.08
C20 3VL B . -0.18 1.53 3.09
O7 3VL B . -0.14 0.66 4.12
C21 3VL B . 0.74 2.57 3.10
C22 3VL B . 1.68 2.65 4.16
O8 3VL B . 2.79 1.86 3.68
C23 3VL B . 3.78 1.59 4.73
C24 3VL B . 3.56 0.21 5.33
O9 3VL B . 5.05 1.62 4.02
C25 3VL B . 5.17 0.65 2.94
C26 3VL B . 6.54 0.87 2.30
C27 3VL B . 5.07 -0.75 3.56
O10 3VL B . 6.23 -0.99 4.44
C28 3VL B . 3.71 -0.89 4.26
N1 3VL B . 3.49 -2.22 4.89
C29 3VL B . 3.99 -3.39 4.13
C30 3VL B . 2.12 -2.45 5.33
N SAH C . 0.00 -7.44 4.77
CA SAH C . 0.26 -6.75 3.48
CB SAH C . -0.92 -5.85 3.12
CG SAH C . -1.40 -6.00 1.71
SD SAH C . -3.09 -5.39 1.52
C SAH C . 1.49 -5.87 3.69
O SAH C . 2.26 -5.72 2.73
OXT SAH C . 1.64 -5.40 4.80
C5' SAH C . -4.07 -6.64 2.38
C4' SAH C . -4.09 -7.99 1.68
O4' SAH C . -5.29 -8.68 2.04
C3' SAH C . -4.09 -7.93 0.15
O3' SAH C . -2.85 -8.39 -0.37
C2' SAH C . -5.24 -8.85 -0.28
O2' SAH C . -4.87 -9.75 -1.31
C1' SAH C . -5.58 -9.58 1.01
N9 SAH C . -6.99 -9.97 1.10
C8 SAH C . -8.08 -9.19 0.79
N7 SAH C . -9.21 -9.80 0.96
C5 SAH C . -8.86 -11.06 1.41
C6 SAH C . -9.63 -12.19 1.76
N6 SAH C . -10.95 -12.23 1.72
N1 SAH C . -8.96 -13.30 2.17
C2 SAH C . -7.62 -13.25 2.20
N3 SAH C . -6.80 -12.26 1.89
C4 SAH C . -7.49 -11.18 1.50
#